data_6TAW
#
_entry.id   6TAW
#
_cell.length_a   62.922
_cell.length_b   89.058
_cell.length_c   61.343
_cell.angle_alpha   90.000
_cell.angle_beta   97.260
_cell.angle_gamma   90.000
#
_symmetry.space_group_name_H-M   'C 1 2 1'
#
loop_
_entity.id
_entity.type
_entity.pdbx_description
1 polymer 'Genome polyprotein'
2 polymer 'Genome polyprotein'
3 non-polymer ~{N}-[2-(4-fluorophenyl)ethyl]furan-2-carboxamide
4 non-polymer 'PHOSPHATE ION'
5 water water
#
loop_
_entity_poly.entity_id
_entity_poly.type
_entity_poly.pdbx_seq_one_letter_code
_entity_poly.pdbx_strand_id
1 'polypeptide(L)'
;APPTLWSRVTKFGSGWGFWVSPTVFITTTHVIPTSAKEFFGEPLTSIAIHRAGEFTLFRFSKKIRPDLTGMILEEGCPEG
TVCSVLIKRDSGELLPLAVRMGAIASMRIQGRLVHGQSGMLLTGANAKGMDLGTIPGDCGAPYVYKRANDWVVCGVHAAA
TKSGNTVVCAVQ
;
A
2 'polypeptide(L)'
;PTLWSRVTKFGSGWGFWVSPTVFITTTHVIPTSAKEFFGEPLTSIAIHRAGEFTLFRFSKKIRPDLTGMILEEGCPEGTV
CSVLIKRDSGELLPLAVRMGAIASMRIQGRLVHGQSGMLLTGANAKGMDLGTIPGDCGAPYVYKRANDWVVCGVHAAATK
SGNTVVCAVQA
;
B
#
# COMPACT_ATOMS: atom_id res chain seq x y z
N ALA A 1 6.32 -0.53 -8.03
CA ALA A 1 6.68 -1.76 -8.76
C ALA A 1 6.63 -1.45 -10.25
N PRO A 2 7.45 -2.10 -11.09
CA PRO A 2 7.53 -1.75 -12.51
C PRO A 2 6.21 -1.87 -13.25
N PRO A 3 5.95 -0.96 -14.22
CA PRO A 3 4.77 -1.09 -15.08
C PRO A 3 4.59 -2.48 -15.75
N THR A 4 5.69 -3.15 -16.07
N THR A 4 5.67 -3.14 -16.15
CA THR A 4 5.63 -4.43 -16.79
CA THR A 4 5.50 -4.48 -16.80
C THR A 4 5.18 -5.56 -15.83
C THR A 4 4.85 -5.43 -15.80
N LEU A 5 5.20 -5.33 -14.51
CA LEU A 5 4.59 -6.31 -13.56
C LEU A 5 3.09 -6.00 -13.48
N TRP A 6 2.69 -4.75 -13.37
CA TRP A 6 1.25 -4.43 -13.28
C TRP A 6 0.51 -4.89 -14.56
N SER A 7 1.13 -4.75 -15.76
CA SER A 7 0.51 -5.16 -17.04
CA SER A 7 0.53 -5.16 -17.05
C SER A 7 0.19 -6.65 -17.07
N ARG A 8 0.87 -7.48 -16.26
CA ARG A 8 0.63 -8.95 -16.23
C ARG A 8 -0.56 -9.32 -15.32
N VAL A 9 -1.00 -8.40 -14.47
CA VAL A 9 -2.08 -8.66 -13.49
C VAL A 9 -3.44 -8.49 -14.18
N THR A 10 -4.18 -9.58 -14.32
CA THR A 10 -5.40 -9.75 -15.16
C THR A 10 -6.63 -10.09 -14.32
N LYS A 11 -7.74 -9.36 -14.50
CA LYS A 11 -8.99 -9.70 -13.81
C LYS A 11 -9.47 -11.09 -14.28
N PHE A 12 -9.86 -11.99 -13.38
CA PHE A 12 -10.07 -13.40 -13.75
C PHE A 12 -11.02 -14.08 -12.76
N GLY A 13 -12.15 -14.62 -13.24
CA GLY A 13 -13.12 -15.25 -12.32
C GLY A 13 -13.50 -14.28 -11.22
N SER A 14 -13.49 -14.74 -9.95
CA SER A 14 -13.81 -13.95 -8.75
C SER A 14 -12.60 -13.17 -8.20
N GLY A 15 -11.49 -13.15 -8.93
CA GLY A 15 -10.26 -12.50 -8.47
C GLY A 15 -9.36 -12.12 -9.63
N TRP A 16 -8.10 -12.60 -9.60
CA TRP A 16 -7.00 -12.20 -10.47
C TRP A 16 -6.16 -13.40 -10.91
N GLY A 17 -5.43 -13.23 -11.99
CA GLY A 17 -4.26 -14.08 -12.25
C GLY A 17 -3.15 -13.28 -12.88
N PHE A 18 -2.04 -13.96 -13.22
CA PHE A 18 -0.75 -13.31 -13.53
C PHE A 18 -0.05 -14.03 -14.69
N TRP A 19 0.28 -13.28 -15.74
CA TRP A 19 1.09 -13.80 -16.88
C TRP A 19 2.61 -13.83 -16.55
N VAL A 20 3.12 -15.04 -16.32
CA VAL A 20 4.59 -15.24 -16.12
C VAL A 20 5.33 -15.03 -17.46
N SER A 21 4.71 -15.43 -18.56
CA SER A 21 5.33 -15.38 -19.91
C SER A 21 4.21 -15.22 -20.95
N PRO A 22 4.52 -15.17 -22.29
CA PRO A 22 3.44 -15.17 -23.28
C PRO A 22 2.50 -16.38 -23.28
N THR A 23 2.98 -17.50 -22.75
CA THR A 23 2.20 -18.77 -22.73
C THR A 23 1.79 -19.27 -21.34
N VAL A 24 2.25 -18.64 -20.25
CA VAL A 24 2.04 -19.21 -18.90
C VAL A 24 1.29 -18.20 -18.02
N PHE A 25 0.15 -18.67 -17.49
CA PHE A 25 -0.77 -17.89 -16.61
C PHE A 25 -0.98 -18.64 -15.31
N ILE A 26 -0.76 -17.97 -14.19
CA ILE A 26 -0.97 -18.57 -12.83
C ILE A 26 -2.12 -17.89 -12.09
N THR A 27 -2.78 -18.63 -11.19
CA THR A 27 -3.93 -18.10 -10.42
C THR A 27 -4.14 -18.96 -9.18
N THR A 28 -5.07 -18.52 -8.33
CA THR A 28 -5.54 -19.24 -7.15
C THR A 28 -6.68 -20.17 -7.59
N THR A 29 -6.66 -21.45 -7.24
CA THR A 29 -7.60 -22.46 -7.80
C THR A 29 -9.06 -22.01 -7.55
N HIS A 30 -9.38 -21.56 -6.34
CA HIS A 30 -10.79 -21.26 -5.97
C HIS A 30 -11.37 -20.04 -6.74
N VAL A 31 -10.57 -19.22 -7.46
CA VAL A 31 -11.19 -18.08 -8.23
C VAL A 31 -11.62 -18.51 -9.65
N ILE A 32 -11.19 -19.66 -10.12
CA ILE A 32 -11.47 -20.14 -11.50
C ILE A 32 -12.97 -20.46 -11.58
N PRO A 33 -13.68 -19.96 -12.61
CA PRO A 33 -15.09 -20.38 -12.82
C PRO A 33 -15.22 -21.88 -13.12
N THR A 34 -15.97 -22.66 -12.30
CA THR A 34 -15.92 -24.16 -12.37
C THR A 34 -16.53 -24.68 -13.67
N SER A 35 -17.45 -23.91 -14.26
CA SER A 35 -18.11 -24.35 -15.55
C SER A 35 -17.28 -24.00 -16.82
N ALA A 36 -16.16 -23.27 -16.71
CA ALA A 36 -15.53 -22.63 -17.88
C ALA A 36 -14.82 -23.67 -18.76
N LYS A 37 -15.00 -23.58 -20.09
CA LYS A 37 -14.46 -24.52 -21.11
C LYS A 37 -13.58 -23.82 -22.15
N GLU A 38 -13.41 -22.49 -22.03
CA GLU A 38 -12.67 -21.65 -22.99
C GLU A 38 -11.95 -20.54 -22.19
N PHE A 39 -10.66 -20.33 -22.42
CA PHE A 39 -9.86 -19.25 -21.76
C PHE A 39 -9.06 -18.52 -22.85
N PHE A 40 -9.25 -17.21 -22.98
CA PHE A 40 -8.51 -16.35 -23.93
C PHE A 40 -8.63 -16.96 -25.34
N GLY A 41 -9.84 -17.43 -25.65
CA GLY A 41 -10.21 -17.91 -27.00
C GLY A 41 -9.78 -19.34 -27.28
N GLU A 42 -9.20 -20.05 -26.32
CA GLU A 42 -8.62 -21.40 -26.52
C GLU A 42 -9.49 -22.41 -25.80
N PRO A 43 -9.80 -23.55 -26.45
CA PRO A 43 -10.50 -24.64 -25.77
C PRO A 43 -9.60 -25.37 -24.74
N LEU A 44 -10.21 -26.01 -23.73
CA LEU A 44 -9.51 -26.82 -22.69
C LEU A 44 -8.51 -27.78 -23.33
N THR A 45 -8.90 -28.42 -24.44
CA THR A 45 -8.10 -29.44 -25.17
C THR A 45 -6.73 -28.86 -25.58
N SER A 46 -6.59 -27.55 -25.73
CA SER A 46 -5.34 -26.91 -26.19
C SER A 46 -4.52 -26.36 -25.01
N ILE A 47 -4.89 -26.68 -23.77
CA ILE A 47 -4.27 -26.05 -22.56
C ILE A 47 -3.78 -27.16 -21.63
N ALA A 48 -2.53 -27.09 -21.19
CA ALA A 48 -2.01 -27.96 -20.11
C ALA A 48 -2.24 -27.30 -18.74
N ILE A 49 -3.10 -27.89 -17.92
CA ILE A 49 -3.46 -27.39 -16.56
C ILE A 49 -2.73 -28.19 -15.48
N HIS A 50 -1.89 -27.52 -14.68
CA HIS A 50 -1.11 -28.09 -13.55
C HIS A 50 -1.66 -27.50 -12.24
N ARG A 51 -2.29 -28.34 -11.43
CA ARG A 51 -2.97 -27.90 -10.17
C ARG A 51 -2.27 -28.53 -8.97
N ALA A 52 -1.86 -27.73 -7.99
CA ALA A 52 -1.38 -28.20 -6.67
C ALA A 52 -2.12 -27.44 -5.56
N GLY A 53 -3.20 -28.02 -5.03
CA GLY A 53 -4.05 -27.37 -4.02
C GLY A 53 -4.58 -26.04 -4.55
N GLU A 54 -4.25 -24.93 -3.90
CA GLU A 54 -4.75 -23.58 -4.27
C GLU A 54 -3.85 -22.92 -5.30
N PHE A 55 -2.81 -23.58 -5.83
CA PHE A 55 -1.98 -23.08 -6.96
C PHE A 55 -2.40 -23.75 -8.27
N THR A 56 -2.80 -22.97 -9.28
CA THR A 56 -3.08 -23.51 -10.65
C THR A 56 -2.20 -22.79 -11.69
N LEU A 57 -1.54 -23.54 -12.57
CA LEU A 57 -0.76 -22.99 -13.71
C LEU A 57 -1.41 -23.46 -15.02
N PHE A 58 -1.66 -22.53 -15.95
CA PHE A 58 -2.19 -22.79 -17.32
C PHE A 58 -1.04 -22.58 -18.30
N ARG A 59 -0.74 -23.57 -19.14
CA ARG A 59 0.24 -23.42 -20.23
C ARG A 59 -0.49 -23.60 -21.58
N PHE A 60 -0.47 -22.53 -22.38
CA PHE A 60 -1.21 -22.42 -23.67
C PHE A 60 -0.26 -22.90 -24.79
N SER A 61 -0.86 -23.42 -25.87
N SER A 61 -0.84 -23.46 -25.85
CA SER A 61 -0.14 -23.94 -27.06
CA SER A 61 -0.11 -23.91 -27.06
C SER A 61 0.13 -22.83 -28.10
C SER A 61 0.38 -22.73 -27.90
N LYS A 62 -0.35 -21.60 -27.87
CA LYS A 62 -0.06 -20.37 -28.66
C LYS A 62 0.29 -19.21 -27.71
N LYS A 63 1.01 -18.21 -28.23
CA LYS A 63 1.33 -17.00 -27.44
C LYS A 63 0.06 -16.14 -27.28
N ILE A 64 -0.45 -16.05 -26.07
CA ILE A 64 -1.63 -15.19 -25.74
C ILE A 64 -1.17 -13.75 -25.47
N ARG A 65 -0.02 -13.57 -24.80
CA ARG A 65 0.56 -12.26 -24.41
C ARG A 65 1.95 -12.11 -25.03
N PRO A 66 2.04 -11.88 -26.37
CA PRO A 66 3.34 -11.71 -27.03
C PRO A 66 4.07 -10.40 -26.73
N ASP A 67 3.39 -9.47 -26.07
CA ASP A 67 3.99 -8.22 -25.57
C ASP A 67 4.95 -8.48 -24.40
N LEU A 68 4.84 -9.63 -23.73
CA LEU A 68 5.59 -9.91 -22.47
C LEU A 68 6.90 -10.66 -22.70
N THR A 69 7.87 -10.40 -21.84
CA THR A 69 9.08 -11.27 -21.65
C THR A 69 8.77 -12.37 -20.62
N GLY A 70 9.26 -13.60 -20.76
CA GLY A 70 9.19 -14.57 -19.67
C GLY A 70 10.04 -14.13 -18.48
N MET A 71 9.51 -14.32 -17.26
CA MET A 71 10.24 -13.97 -15.99
C MET A 71 10.39 -15.24 -15.13
N ILE A 72 11.13 -15.12 -14.03
CA ILE A 72 11.39 -16.26 -13.10
C ILE A 72 10.17 -16.48 -12.16
N LEU A 73 9.66 -17.72 -12.12
CA LEU A 73 8.68 -18.24 -11.15
C LEU A 73 9.37 -19.26 -10.23
N GLU A 74 9.34 -19.01 -8.92
CA GLU A 74 9.96 -19.88 -7.90
C GLU A 74 8.90 -20.40 -6.94
N GLU A 75 9.27 -21.48 -6.22
CA GLU A 75 8.38 -22.18 -5.25
C GLU A 75 8.52 -21.46 -3.91
N GLY A 76 7.84 -20.32 -3.76
CA GLY A 76 7.97 -19.48 -2.55
C GLY A 76 9.34 -18.82 -2.48
N CYS A 77 9.66 -18.24 -1.31
CA CYS A 77 10.89 -17.46 -1.11
C CYS A 77 11.48 -17.73 0.28
N PRO A 78 12.76 -17.33 0.53
CA PRO A 78 13.39 -17.54 1.84
C PRO A 78 12.61 -16.81 2.95
N GLU A 79 12.58 -17.41 4.15
CA GLU A 79 12.04 -16.70 5.34
C GLU A 79 12.73 -15.37 5.45
N GLY A 80 11.96 -14.35 5.82
CA GLY A 80 12.44 -12.97 6.02
C GLY A 80 12.41 -12.14 4.79
N THR A 81 12.19 -12.74 3.61
CA THR A 81 12.00 -11.93 2.37
C THR A 81 10.82 -10.97 2.56
N VAL A 82 10.97 -9.72 2.14
CA VAL A 82 9.83 -8.78 2.01
C VAL A 82 9.34 -8.83 0.57
N CYS A 83 8.06 -9.20 0.40
CA CYS A 83 7.40 -9.23 -0.92
C CYS A 83 6.40 -8.03 -1.02
N SER A 84 6.03 -7.71 -2.25
CA SER A 84 4.86 -6.86 -2.55
C SER A 84 3.75 -7.77 -3.12
N VAL A 85 2.49 -7.59 -2.67
CA VAL A 85 1.34 -8.28 -3.26
C VAL A 85 0.65 -7.28 -4.20
N LEU A 86 0.64 -7.56 -5.53
CA LEU A 86 0.22 -6.51 -6.51
C LEU A 86 -1.31 -6.49 -6.68
N ILE A 87 -1.97 -5.69 -5.82
CA ILE A 87 -3.44 -5.62 -5.72
C ILE A 87 -3.99 -4.40 -6.47
N LYS A 88 -5.00 -4.65 -7.33
CA LYS A 88 -5.71 -3.58 -8.08
C LYS A 88 -7.00 -3.30 -7.30
N ARG A 89 -7.33 -2.02 -7.08
CA ARG A 89 -8.59 -1.62 -6.42
C ARG A 89 -9.40 -0.56 -7.18
N ASP A 90 -10.64 -0.36 -6.75
CA ASP A 90 -11.63 0.60 -7.32
C ASP A 90 -10.97 1.92 -7.74
N SER A 91 -10.57 1.96 -9.03
CA SER A 91 -10.47 3.12 -9.95
C SER A 91 -9.07 3.25 -10.58
N GLY A 92 -8.51 2.19 -11.10
CA GLY A 92 -7.09 2.25 -11.47
C GLY A 92 -6.18 2.62 -10.27
N GLU A 93 -6.58 2.40 -9.01
CA GLU A 93 -5.61 2.50 -7.88
C GLU A 93 -4.85 1.20 -7.75
N LEU A 94 -3.54 1.32 -7.55
CA LEU A 94 -2.60 0.21 -7.50
C LEU A 94 -2.05 0.13 -6.08
N LEU A 95 -2.21 -1.01 -5.42
CA LEU A 95 -1.83 -1.18 -4.00
C LEU A 95 -0.75 -2.29 -3.90
N PRO A 96 0.55 -1.96 -3.96
CA PRO A 96 1.60 -2.97 -3.73
C PRO A 96 1.80 -3.16 -2.22
N LEU A 97 1.03 -4.09 -1.63
CA LEU A 97 1.03 -4.27 -0.15
C LEU A 97 2.30 -5.02 0.29
N ALA A 98 3.06 -4.41 1.19
CA ALA A 98 4.29 -5.03 1.73
C ALA A 98 3.95 -6.16 2.72
N VAL A 99 4.70 -7.25 2.64
N VAL A 99 4.63 -7.30 2.58
CA VAL A 99 4.45 -8.46 3.51
CA VAL A 99 4.45 -8.49 3.46
C VAL A 99 5.81 -9.13 3.82
C VAL A 99 5.85 -9.03 3.83
N ARG A 100 6.03 -9.47 5.08
CA ARG A 100 7.24 -10.21 5.51
C ARG A 100 6.90 -11.71 5.47
N MET A 101 7.63 -12.48 4.70
CA MET A 101 7.27 -13.89 4.50
C MET A 101 7.90 -14.75 5.61
N GLY A 102 7.22 -15.83 5.95
CA GLY A 102 7.68 -16.83 6.94
C GLY A 102 7.63 -18.25 6.42
N ALA A 103 7.37 -19.20 7.31
CA ALA A 103 7.43 -20.65 6.96
C ALA A 103 6.24 -21.07 6.10
N ILE A 104 6.42 -22.15 5.33
CA ILE A 104 5.29 -22.94 4.79
C ILE A 104 4.42 -23.41 5.96
N ALA A 105 3.12 -23.34 5.85
CA ALA A 105 2.18 -23.58 6.96
C ALA A 105 0.86 -24.22 6.48
N SER A 106 0.25 -25.02 7.36
CA SER A 106 -1.14 -25.46 7.21
C SER A 106 -1.98 -24.83 8.33
N MET A 107 -3.10 -24.20 7.96
CA MET A 107 -3.96 -23.38 8.83
C MET A 107 -5.43 -23.72 8.49
N ARG A 108 -6.33 -23.29 9.36
CA ARG A 108 -7.80 -23.30 9.19
C ARG A 108 -8.26 -21.83 9.27
N ILE A 109 -8.82 -21.32 8.16
CA ILE A 109 -9.24 -19.89 7.99
C ILE A 109 -10.71 -19.87 7.55
N GLN A 110 -11.58 -19.30 8.40
CA GLN A 110 -13.03 -19.20 8.13
C GLN A 110 -13.49 -20.66 7.85
N GLY A 111 -13.01 -21.62 8.67
CA GLY A 111 -13.40 -23.06 8.58
C GLY A 111 -12.73 -23.85 7.43
N ARG A 112 -12.17 -23.21 6.38
CA ARG A 112 -11.50 -23.90 5.23
C ARG A 112 -10.04 -24.29 5.58
N LEU A 113 -9.57 -25.41 5.07
CA LEU A 113 -8.16 -25.85 5.29
C LEU A 113 -7.28 -25.27 4.16
N VAL A 114 -6.24 -24.51 4.55
N VAL A 114 -6.27 -24.47 4.51
CA VAL A 114 -5.35 -23.71 3.66
CA VAL A 114 -5.38 -23.82 3.50
C VAL A 114 -3.88 -24.15 3.86
C VAL A 114 -3.91 -24.09 3.83
N HIS A 115 -3.13 -24.31 2.77
CA HIS A 115 -1.69 -24.65 2.83
C HIS A 115 -0.90 -23.77 1.89
N GLY A 116 0.14 -23.10 2.40
CA GLY A 116 1.01 -22.29 1.50
C GLY A 116 2.08 -21.60 2.31
N GLN A 117 2.73 -20.59 1.78
CA GLN A 117 3.74 -19.78 2.52
C GLN A 117 3.01 -18.69 3.30
N SER A 118 3.11 -18.72 4.62
CA SER A 118 2.59 -17.68 5.52
C SER A 118 3.41 -16.39 5.37
N GLY A 119 2.74 -15.27 5.67
CA GLY A 119 3.39 -13.98 5.84
C GLY A 119 2.59 -13.04 6.74
N MET A 120 3.21 -11.92 7.13
CA MET A 120 2.50 -10.92 7.96
C MET A 120 2.62 -9.56 7.26
N LEU A 121 1.50 -8.85 7.16
CA LEU A 121 1.49 -7.51 6.54
C LEU A 121 2.40 -6.53 7.25
N LEU A 122 3.03 -5.64 6.47
CA LEU A 122 3.92 -4.57 6.95
C LEU A 122 3.27 -3.21 6.62
N THR A 123 1.94 -3.17 6.52
CA THR A 123 1.19 -1.94 6.18
C THR A 123 0.72 -1.16 7.41
N GLY A 124 0.56 -1.79 8.55
CA GLY A 124 -0.01 -1.22 9.78
C GLY A 124 -0.34 -2.30 10.79
N ALA A 125 -0.80 -1.90 11.94
CA ALA A 125 -1.33 -2.81 12.99
C ALA A 125 -2.85 -2.96 12.74
N ASN A 126 -3.45 -4.07 13.17
CA ASN A 126 -4.93 -4.17 13.10
C ASN A 126 -5.42 -3.82 11.67
N ALA A 127 -4.80 -4.43 10.64
CA ALA A 127 -4.99 -4.13 9.21
C ALA A 127 -6.29 -4.65 8.55
N LYS A 128 -7.24 -5.23 9.32
CA LYS A 128 -8.54 -5.78 8.86
C LYS A 128 -9.23 -4.75 7.96
N GLY A 129 -9.61 -5.09 6.76
CA GLY A 129 -10.32 -4.09 5.95
C GLY A 129 -9.50 -3.60 4.80
N MET A 130 -10.17 -2.90 3.90
CA MET A 130 -9.68 -2.62 2.54
C MET A 130 -8.57 -1.53 2.55
N ASP A 131 -8.48 -0.65 3.57
CA ASP A 131 -7.53 0.51 3.49
C ASP A 131 -6.06 0.03 3.67
N LEU A 132 -5.79 -0.91 4.58
CA LEU A 132 -4.40 -1.37 4.89
C LEU A 132 -4.24 -2.86 4.62
N GLY A 133 -5.34 -3.59 4.36
CA GLY A 133 -5.30 -5.06 4.28
C GLY A 133 -5.92 -5.62 3.01
N THR A 134 -6.11 -6.94 3.02
CA THR A 134 -6.66 -7.72 1.89
C THR A 134 -8.18 -7.88 2.06
N ILE A 135 -8.83 -8.16 0.93
CA ILE A 135 -10.29 -8.49 0.83
C ILE A 135 -10.39 -9.79 0.01
N PRO A 136 -11.55 -10.50 0.04
CA PRO A 136 -11.68 -11.76 -0.72
C PRO A 136 -11.42 -11.64 -2.24
N GLY A 137 -11.81 -10.48 -2.80
CA GLY A 137 -11.59 -10.10 -4.22
C GLY A 137 -10.14 -10.00 -4.66
N ASP A 138 -9.20 -9.99 -3.74
CA ASP A 138 -7.76 -9.92 -4.03
C ASP A 138 -7.17 -11.30 -4.32
N CYS A 139 -7.90 -12.39 -4.13
CA CYS A 139 -7.28 -13.71 -4.34
C CYS A 139 -6.82 -13.88 -5.81
N GLY A 140 -5.65 -14.49 -5.98
CA GLY A 140 -4.95 -14.63 -7.28
C GLY A 140 -3.89 -13.53 -7.57
N ALA A 141 -3.83 -12.45 -6.77
CA ALA A 141 -2.84 -11.37 -6.93
C ALA A 141 -1.43 -11.94 -6.67
N PRO A 142 -0.43 -11.57 -7.48
CA PRO A 142 0.92 -12.14 -7.33
C PRO A 142 1.73 -11.56 -6.16
N TYR A 143 2.58 -12.45 -5.58
CA TYR A 143 3.64 -12.07 -4.59
C TYR A 143 4.97 -11.95 -5.35
N VAL A 144 5.57 -10.72 -5.37
CA VAL A 144 6.82 -10.48 -6.15
C VAL A 144 7.86 -9.81 -5.24
N TYR A 145 9.14 -10.01 -5.55
CA TYR A 145 10.23 -9.28 -4.90
C TYR A 145 11.37 -9.06 -5.89
N LYS A 146 12.22 -8.10 -5.53
CA LYS A 146 13.42 -7.77 -6.35
C LYS A 146 14.67 -8.45 -5.76
N ARG A 147 15.35 -9.27 -6.57
CA ARG A 147 16.55 -10.06 -6.15
C ARG A 147 17.69 -9.63 -7.04
N ALA A 148 18.62 -8.80 -6.52
CA ALA A 148 19.70 -8.16 -7.29
C ALA A 148 19.06 -7.30 -8.37
N ASN A 149 19.32 -7.58 -9.63
CA ASN A 149 18.88 -6.70 -10.75
C ASN A 149 17.51 -7.09 -11.32
N ASP A 150 16.94 -8.23 -10.95
CA ASP A 150 15.64 -8.67 -11.54
C ASP A 150 14.55 -8.90 -10.52
N TRP A 151 13.31 -9.07 -11.01
CA TRP A 151 12.12 -9.40 -10.18
C TRP A 151 11.77 -10.88 -10.30
N VAL A 152 11.27 -11.44 -9.20
CA VAL A 152 10.82 -12.86 -9.10
C VAL A 152 9.33 -12.82 -8.73
N VAL A 153 8.58 -13.78 -9.23
CA VAL A 153 7.21 -14.08 -8.74
C VAL A 153 7.31 -15.41 -8.00
N CYS A 154 6.72 -15.43 -6.82
CA CYS A 154 6.85 -16.63 -5.97
C CYS A 154 5.56 -17.21 -5.39
N GLY A 155 4.41 -16.70 -5.84
CA GLY A 155 3.10 -17.34 -5.57
C GLY A 155 1.96 -16.37 -5.80
N VAL A 156 0.78 -16.81 -5.42
CA VAL A 156 -0.49 -16.08 -5.63
C VAL A 156 -1.29 -16.02 -4.32
N HIS A 157 -2.04 -14.97 -4.10
CA HIS A 157 -2.75 -14.73 -2.80
C HIS A 157 -3.90 -15.72 -2.64
N ALA A 158 -3.90 -16.50 -1.56
CA ALA A 158 -4.92 -17.56 -1.35
C ALA A 158 -5.91 -17.23 -0.23
N ALA A 159 -5.47 -16.62 0.88
CA ALA A 159 -6.32 -16.37 2.08
C ALA A 159 -5.69 -15.31 2.97
N ALA A 160 -6.47 -14.86 3.92
CA ALA A 160 -6.05 -13.96 5.00
C ALA A 160 -6.88 -14.34 6.23
N THR A 161 -6.27 -14.22 7.41
CA THR A 161 -6.98 -14.52 8.68
C THR A 161 -8.05 -13.46 8.97
N LYS A 162 -8.97 -13.82 9.88
CA LYS A 162 -10.06 -12.90 10.32
C LYS A 162 -9.46 -11.55 10.76
N SER A 163 -8.35 -11.54 11.54
CA SER A 163 -7.62 -10.33 12.04
CA SER A 163 -7.71 -10.30 12.04
C SER A 163 -7.06 -9.55 10.86
N GLY A 164 -6.69 -10.27 9.82
CA GLY A 164 -6.10 -9.68 8.61
C GLY A 164 -4.59 -9.55 8.66
N ASN A 165 -3.93 -9.69 9.83
CA ASN A 165 -2.46 -9.57 9.94
C ASN A 165 -1.70 -10.69 9.20
N THR A 166 -2.22 -11.92 9.16
CA THR A 166 -1.59 -13.09 8.49
C THR A 166 -2.21 -13.29 7.10
N VAL A 167 -1.37 -13.48 6.09
CA VAL A 167 -1.79 -13.89 4.73
C VAL A 167 -1.14 -15.19 4.34
N VAL A 168 -1.69 -15.87 3.33
CA VAL A 168 -1.13 -17.13 2.78
C VAL A 168 -0.99 -16.98 1.24
N CYS A 169 0.22 -17.23 0.74
CA CYS A 169 0.68 -17.31 -0.69
C CYS A 169 0.57 -18.78 -1.12
N ALA A 170 -0.26 -19.18 -2.07
CA ALA A 170 -0.21 -20.55 -2.66
C ALA A 170 1.04 -20.61 -3.56
N VAL A 171 1.75 -21.75 -3.54
CA VAL A 171 3.06 -21.93 -4.19
C VAL A 171 3.02 -23.14 -5.12
N GLN A 172 3.86 -23.09 -6.16
CA GLN A 172 4.03 -24.20 -7.11
C GLN A 172 4.69 -25.36 -6.35
N PRO B 1 -15.26 8.06 1.59
CA PRO B 1 -15.76 6.67 1.76
C PRO B 1 -14.63 5.61 1.65
N THR B 2 -13.41 6.12 1.58
CA THR B 2 -12.12 5.48 1.93
C THR B 2 -11.28 6.59 2.58
N LEU B 3 -10.42 6.19 3.50
CA LEU B 3 -9.34 7.05 3.99
C LEU B 3 -8.58 7.60 2.80
N TRP B 4 -8.29 6.77 1.79
CA TRP B 4 -7.37 7.16 0.70
C TRP B 4 -7.92 8.38 -0.11
N SER B 5 -9.25 8.52 -0.20
CA SER B 5 -9.82 9.67 -0.94
C SER B 5 -9.47 10.99 -0.27
N ARG B 6 -9.12 10.97 1.02
CA ARG B 6 -8.76 12.22 1.76
C ARG B 6 -7.33 12.71 1.42
N VAL B 7 -6.47 11.82 0.92
CA VAL B 7 -5.08 12.15 0.55
C VAL B 7 -5.10 12.83 -0.83
N THR B 8 -4.54 14.05 -0.90
N THR B 8 -4.64 14.08 -0.94
CA THR B 8 -4.71 15.01 -2.03
CA THR B 8 -4.70 14.77 -2.24
C THR B 8 -3.34 15.56 -2.48
C THR B 8 -3.43 15.56 -2.50
N LYS B 9 -3.09 15.66 -3.78
CA LYS B 9 -1.83 16.27 -4.27
C LYS B 9 -1.92 17.78 -3.95
N PHE B 10 -0.86 18.36 -3.42
CA PHE B 10 -0.87 19.78 -2.97
C PHE B 10 0.53 20.39 -2.96
N GLY B 11 0.74 21.49 -3.70
CA GLY B 11 2.05 22.13 -3.64
C GLY B 11 3.14 21.19 -4.18
N SER B 12 4.25 21.07 -3.49
CA SER B 12 5.32 20.13 -3.85
C SER B 12 5.15 18.76 -3.17
N GLY B 13 4.01 18.53 -2.53
CA GLY B 13 3.73 17.21 -1.92
C GLY B 13 2.24 16.91 -1.87
N TRP B 14 1.72 16.68 -0.67
CA TRP B 14 0.37 16.11 -0.43
C TRP B 14 -0.19 16.77 0.84
N GLY B 15 -1.49 16.59 1.05
CA GLY B 15 -2.16 16.86 2.33
C GLY B 15 -3.38 15.98 2.53
N PHE B 16 -4.12 16.19 3.62
CA PHE B 16 -5.16 15.26 4.06
C PHE B 16 -6.39 16.03 4.58
N TRP B 17 -7.58 15.67 4.07
CA TRP B 17 -8.88 16.18 4.53
C TRP B 17 -9.29 15.48 5.83
N VAL B 18 -9.22 16.20 6.91
CA VAL B 18 -9.76 15.75 8.23
C VAL B 18 -11.29 15.78 8.27
N SER B 19 -11.88 16.79 7.61
CA SER B 19 -13.35 16.99 7.57
C SER B 19 -13.69 17.80 6.33
N PRO B 20 -14.97 18.11 6.07
CA PRO B 20 -15.28 18.92 4.87
C PRO B 20 -14.60 20.29 4.77
N THR B 21 -14.23 20.88 5.91
CA THR B 21 -13.64 22.24 6.03
C THR B 21 -12.17 22.25 6.48
N VAL B 22 -11.58 21.12 6.90
CA VAL B 22 -10.23 21.15 7.54
C VAL B 22 -9.25 20.28 6.73
N PHE B 23 -8.16 20.87 6.32
CA PHE B 23 -7.09 20.24 5.51
C PHE B 23 -5.76 20.43 6.22
N ILE B 24 -4.98 19.35 6.39
CA ILE B 24 -3.64 19.45 7.03
C ILE B 24 -2.56 19.11 6.02
N THR B 25 -1.36 19.70 6.18
CA THR B 25 -0.20 19.47 5.28
C THR B 25 1.10 19.78 6.00
N THR B 26 2.20 19.52 5.33
CA THR B 26 3.58 19.88 5.79
C THR B 26 3.85 21.31 5.33
N THR B 27 4.30 22.14 6.24
CA THR B 27 4.52 23.59 5.97
C THR B 27 5.39 23.80 4.71
N HIS B 28 6.53 23.12 4.60
CA HIS B 28 7.48 23.37 3.49
C HIS B 28 6.92 23.03 2.10
N VAL B 29 5.82 22.26 1.99
CA VAL B 29 5.31 21.93 0.64
C VAL B 29 4.31 23.00 0.15
N ILE B 30 3.88 23.91 1.00
CA ILE B 30 2.79 24.89 0.64
C ILE B 30 3.36 25.93 -0.35
N PRO B 31 2.65 26.28 -1.44
CA PRO B 31 3.15 27.36 -2.30
C PRO B 31 3.32 28.67 -1.54
N THR B 32 4.37 29.44 -1.91
CA THR B 32 4.67 30.78 -1.29
C THR B 32 4.12 31.91 -2.15
N SER B 33 3.60 31.62 -3.35
CA SER B 33 2.85 32.59 -4.19
CA SER B 33 2.86 32.57 -4.21
C SER B 33 1.48 31.98 -4.52
N ALA B 34 0.38 32.50 -3.96
CA ALA B 34 -1.00 31.99 -4.18
C ALA B 34 -2.05 33.05 -3.84
N LYS B 35 -3.14 33.09 -4.61
CA LYS B 35 -4.34 33.91 -4.29
C LYS B 35 -5.54 33.04 -3.91
N GLU B 36 -5.48 31.72 -4.13
CA GLU B 36 -6.60 30.82 -3.77
C GLU B 36 -6.04 29.41 -3.56
N PHE B 37 -6.73 28.61 -2.78
CA PHE B 37 -6.52 27.14 -2.75
C PHE B 37 -7.89 26.45 -2.88
N PHE B 38 -7.95 25.42 -3.72
CA PHE B 38 -9.16 24.58 -3.91
C PHE B 38 -10.34 25.45 -4.34
N GLY B 39 -10.06 26.54 -5.01
CA GLY B 39 -11.09 27.46 -5.55
C GLY B 39 -11.57 28.52 -4.57
N GLU B 40 -11.04 28.60 -3.35
CA GLU B 40 -11.50 29.52 -2.29
C GLU B 40 -10.42 30.58 -2.19
N PRO B 41 -10.79 31.88 -2.28
CA PRO B 41 -9.80 32.94 -2.09
C PRO B 41 -9.08 32.84 -0.73
N LEU B 42 -7.78 33.12 -0.75
CA LEU B 42 -6.95 33.00 0.48
C LEU B 42 -7.48 33.94 1.56
N THR B 43 -8.11 35.03 1.15
CA THR B 43 -8.73 35.97 2.10
C THR B 43 -9.72 35.28 3.05
N SER B 44 -10.33 34.13 2.69
CA SER B 44 -11.40 33.45 3.47
C SER B 44 -10.88 32.18 4.17
N ILE B 45 -9.56 31.96 4.16
CA ILE B 45 -8.96 30.69 4.71
C ILE B 45 -8.20 31.06 5.98
N ALA B 46 -8.51 30.40 7.10
CA ALA B 46 -7.71 30.52 8.35
C ALA B 46 -6.53 29.54 8.30
N ILE B 47 -5.32 30.03 8.50
CA ILE B 47 -4.08 29.23 8.38
C ILE B 47 -3.44 29.20 9.80
N HIS B 48 -3.24 28.01 10.35
CA HIS B 48 -2.60 27.78 11.67
C HIS B 48 -1.31 26.96 11.52
N ARG B 49 -0.15 27.59 11.66
CA ARG B 49 1.15 26.94 11.44
C ARG B 49 1.80 26.74 12.79
N ALA B 50 2.38 25.56 12.98
CA ALA B 50 3.23 25.26 14.15
C ALA B 50 4.42 24.48 13.60
N GLY B 51 5.57 25.11 13.35
CA GLY B 51 6.71 24.40 12.75
C GLY B 51 6.32 23.82 11.37
N GLU B 52 6.63 22.54 11.16
CA GLU B 52 6.37 21.82 9.90
C GLU B 52 4.91 21.29 9.82
N PHE B 53 4.02 21.58 10.79
CA PHE B 53 2.59 21.24 10.73
C PHE B 53 1.77 22.48 10.36
N THR B 54 0.92 22.40 9.32
CA THR B 54 -0.03 23.49 8.98
C THR B 54 -1.44 22.92 8.85
N LEU B 55 -2.41 23.62 9.43
CA LEU B 55 -3.86 23.37 9.33
C LEU B 55 -4.56 24.56 8.66
N PHE B 56 -5.30 24.24 7.60
CA PHE B 56 -6.20 25.15 6.88
CA PHE B 56 -6.21 25.16 6.88
C PHE B 56 -7.65 24.91 7.33
N ARG B 57 -8.39 25.99 7.65
CA ARG B 57 -9.85 25.92 7.94
CA ARG B 57 -9.86 25.88 7.89
C ARG B 57 -10.58 26.80 6.91
N PHE B 58 -11.37 26.19 6.04
CA PHE B 58 -12.10 26.88 4.93
C PHE B 58 -13.43 27.43 5.45
N SER B 59 -13.97 28.47 4.78
CA SER B 59 -15.26 29.13 5.11
C SER B 59 -16.45 28.33 4.65
N LYS B 60 -16.28 27.50 3.64
CA LYS B 60 -17.38 26.64 3.14
C LYS B 60 -16.90 25.20 3.03
N LYS B 61 -17.84 24.28 2.77
CA LYS B 61 -17.56 22.84 2.69
C LYS B 61 -16.91 22.60 1.33
N ILE B 62 -15.62 22.22 1.33
CA ILE B 62 -14.90 21.85 0.09
C ILE B 62 -15.13 20.37 -0.20
N ARG B 63 -15.18 19.54 0.85
CA ARG B 63 -15.36 18.07 0.69
C ARG B 63 -16.56 17.60 1.50
N PRO B 64 -17.82 17.98 1.07
CA PRO B 64 -19.01 17.64 1.83
C PRO B 64 -19.31 16.12 1.87
N ASP B 65 -18.68 15.33 1.00
CA ASP B 65 -18.81 13.85 0.97
C ASP B 65 -18.19 13.23 2.25
N LEU B 66 -17.31 13.94 2.97
CA LEU B 66 -16.58 13.35 4.14
C LEU B 66 -17.27 13.58 5.46
N THR B 67 -17.10 12.64 6.39
CA THR B 67 -17.30 12.88 7.84
C THR B 67 -16.01 13.46 8.47
N GLY B 68 -16.18 14.09 9.64
CA GLY B 68 -15.07 14.56 10.47
C GLY B 68 -14.41 13.41 11.22
N MET B 69 -13.09 13.39 11.22
CA MET B 69 -12.20 12.38 11.86
C MET B 69 -11.56 12.97 13.11
N ILE B 70 -11.05 12.10 13.97
CA ILE B 70 -10.29 12.51 15.19
C ILE B 70 -8.88 12.92 14.79
N LEU B 71 -8.46 14.14 15.08
CA LEU B 71 -7.09 14.68 14.93
C LEU B 71 -6.49 14.87 16.33
N GLU B 72 -5.32 14.21 16.61
CA GLU B 72 -4.60 14.35 17.92
C GLU B 72 -3.16 14.84 17.73
N GLU B 73 -2.54 15.33 18.83
CA GLU B 73 -1.18 15.90 18.82
CA GLU B 73 -1.17 15.88 18.82
C GLU B 73 -0.18 14.73 18.94
N GLY B 74 0.10 14.03 17.84
CA GLY B 74 0.94 12.81 17.92
C GLY B 74 0.21 11.68 18.63
N CYS B 75 0.97 10.65 18.99
CA CYS B 75 0.40 9.42 19.56
C CYS B 75 1.30 8.86 20.66
N PRO B 76 0.80 7.92 21.49
CA PRO B 76 1.64 7.34 22.54
C PRO B 76 2.89 6.67 21.96
N GLU B 77 3.98 6.76 22.69
CA GLU B 77 5.24 6.06 22.30
C GLU B 77 4.91 4.58 22.12
N GLY B 78 5.44 4.00 21.04
CA GLY B 78 5.25 2.59 20.69
C GLY B 78 4.05 2.33 19.80
N THR B 79 3.18 3.33 19.56
CA THR B 79 2.07 3.12 18.60
C THR B 79 2.68 2.78 17.22
N VAL B 80 2.12 1.81 16.55
CA VAL B 80 2.40 1.51 15.12
C VAL B 80 1.39 2.29 14.24
N CYS B 81 1.89 3.36 13.60
CA CYS B 81 1.11 4.13 12.63
C CYS B 81 1.34 3.57 11.19
N SER B 82 0.44 4.01 10.30
CA SER B 82 0.59 3.84 8.85
C SER B 82 0.80 5.24 8.26
N VAL B 83 1.81 5.39 7.43
CA VAL B 83 1.94 6.63 6.61
CA VAL B 83 1.96 6.61 6.58
C VAL B 83 1.26 6.33 5.25
N LEU B 84 0.25 7.15 4.91
CA LEU B 84 -0.58 6.87 3.71
C LEU B 84 0.00 7.59 2.46
N ILE B 85 1.01 7.01 1.86
CA ILE B 85 1.74 7.58 0.70
C ILE B 85 0.97 7.35 -0.59
N LYS B 86 0.72 8.45 -1.33
CA LYS B 86 0.33 8.34 -2.75
C LYS B 86 1.53 8.76 -3.62
N ARG B 87 1.68 8.07 -4.73
CA ARG B 87 2.74 8.30 -5.75
C ARG B 87 2.10 8.74 -7.06
N ASP B 88 2.82 9.54 -7.82
CA ASP B 88 2.28 10.02 -9.12
C ASP B 88 2.13 8.86 -10.13
N SER B 89 2.77 7.72 -9.92
CA SER B 89 2.54 6.49 -10.71
C SER B 89 1.08 6.00 -10.59
N GLY B 90 0.36 6.36 -9.54
CA GLY B 90 -0.97 5.79 -9.25
C GLY B 90 -0.94 4.76 -8.10
N GLU B 91 0.22 4.48 -7.59
CA GLU B 91 0.37 3.58 -6.43
C GLU B 91 -0.01 4.26 -5.12
N LEU B 92 -0.63 3.45 -4.28
CA LEU B 92 -0.93 3.69 -2.85
C LEU B 92 0.00 2.80 -2.01
N LEU B 93 0.76 3.42 -1.13
CA LEU B 93 1.85 2.72 -0.40
C LEU B 93 1.67 2.96 1.09
N PRO B 94 0.83 2.15 1.79
CA PRO B 94 0.74 2.28 3.25
C PRO B 94 1.96 1.58 3.85
N LEU B 95 2.72 2.29 4.70
CA LEU B 95 3.95 1.73 5.34
C LEU B 95 3.81 1.86 6.88
N ALA B 96 4.06 0.72 7.56
CA ALA B 96 4.04 0.68 9.03
C ALA B 96 5.26 1.42 9.58
N VAL B 97 5.03 2.23 10.61
CA VAL B 97 6.07 3.03 11.31
C VAL B 97 5.87 2.92 12.83
N ARG B 98 6.95 2.50 13.55
CA ARG B 98 6.90 2.44 15.05
C ARG B 98 7.23 3.85 15.57
N MET B 99 6.30 4.45 16.32
CA MET B 99 6.48 5.86 16.72
C MET B 99 7.23 5.92 18.07
N GLY B 100 8.09 6.93 18.19
CA GLY B 100 8.94 7.15 19.38
C GLY B 100 8.67 8.49 20.01
N ALA B 101 9.73 9.10 20.49
CA ALA B 101 9.67 10.33 21.29
C ALA B 101 9.47 11.53 20.37
N ILE B 102 8.97 12.58 20.98
CA ILE B 102 9.05 13.95 20.40
C ILE B 102 10.52 14.42 20.50
N ALA B 103 11.07 14.96 19.43
CA ALA B 103 12.50 15.26 19.36
C ALA B 103 12.82 16.27 18.29
N SER B 104 13.99 16.90 18.43
N SER B 104 13.98 16.92 18.45
CA SER B 104 14.65 17.67 17.33
CA SER B 104 14.64 17.69 17.37
C SER B 104 15.77 16.82 16.74
C SER B 104 15.76 16.83 16.76
N MET B 105 15.75 16.62 15.42
CA MET B 105 16.74 15.75 14.72
C MET B 105 17.33 16.42 13.50
N ARG B 106 18.57 16.01 13.15
CA ARG B 106 19.36 16.57 12.01
C ARG B 106 19.21 15.49 10.97
N ILE B 107 18.32 15.81 10.08
CA ILE B 107 17.91 14.82 9.07
C ILE B 107 18.49 15.47 7.80
N GLN B 108 19.53 14.86 7.25
CA GLN B 108 20.28 15.38 6.07
C GLN B 108 20.57 16.89 6.22
N GLY B 109 21.22 17.27 7.33
CA GLY B 109 21.75 18.64 7.54
C GLY B 109 20.75 19.64 8.09
N ARG B 110 19.46 19.32 8.21
CA ARG B 110 18.39 20.27 8.60
C ARG B 110 17.87 19.87 9.98
N LEU B 111 17.74 20.81 10.92
CA LEU B 111 17.02 20.51 12.18
C LEU B 111 15.51 20.49 11.90
N VAL B 112 14.88 19.38 12.27
CA VAL B 112 13.41 19.18 12.14
C VAL B 112 12.87 18.72 13.51
N HIS B 113 11.77 19.31 13.98
CA HIS B 113 11.10 18.93 15.27
CA HIS B 113 11.15 18.85 15.25
C HIS B 113 9.79 18.20 15.02
N GLY B 114 9.54 17.10 15.71
CA GLY B 114 8.27 16.39 15.62
C GLY B 114 8.38 15.04 16.28
N GLN B 115 7.46 14.14 16.02
CA GLN B 115 7.50 12.79 16.59
C GLN B 115 8.33 11.89 15.70
N SER B 116 9.41 11.36 16.27
CA SER B 116 10.31 10.43 15.57
C SER B 116 9.59 9.11 15.33
N GLY B 117 9.97 8.45 14.24
CA GLY B 117 9.50 7.10 13.98
C GLY B 117 10.54 6.24 13.25
N MET B 118 10.36 4.91 13.29
CA MET B 118 11.25 3.98 12.57
C MET B 118 10.42 3.13 11.62
N LEU B 119 10.76 3.12 10.33
CA LEU B 119 10.07 2.29 9.34
C LEU B 119 10.23 0.82 9.72
N LEU B 120 9.15 0.06 9.52
CA LEU B 120 9.15 -1.39 9.86
C LEU B 120 9.26 -2.32 8.64
N THR B 121 9.66 -1.82 7.46
CA THR B 121 9.77 -2.61 6.21
C THR B 121 11.17 -3.19 6.01
N GLY B 122 12.08 -3.03 6.95
CA GLY B 122 13.36 -3.77 6.95
C GLY B 122 14.51 -3.06 6.27
N ALA B 123 15.63 -3.78 6.13
CA ALA B 123 17.03 -3.29 6.04
C ALA B 123 17.10 -2.08 5.12
N ASN B 124 16.55 -2.22 3.91
CA ASN B 124 16.51 -1.15 2.88
C ASN B 124 15.50 -1.56 1.80
N ALA B 125 15.89 -2.48 0.92
CA ALA B 125 15.25 -2.83 -0.36
C ALA B 125 16.23 -2.55 -1.51
N LYS B 126 16.15 -3.34 -2.59
CA LYS B 126 16.98 -3.14 -3.82
C LYS B 126 16.16 -2.28 -4.79
N GLY B 127 15.50 -1.23 -4.29
CA GLY B 127 14.51 -0.45 -5.04
C GLY B 127 13.16 -1.16 -5.09
N MET B 128 12.67 -1.58 -3.91
CA MET B 128 11.26 -2.01 -3.73
C MET B 128 10.47 -0.85 -3.12
N ASP B 129 9.14 -0.87 -3.25
CA ASP B 129 8.17 0.11 -2.69
C ASP B 129 8.13 -0.05 -1.14
N LEU B 130 9.20 0.31 -0.44
CA LEU B 130 9.32 -0.03 1.01
C LEU B 130 9.77 1.17 1.84
N GLY B 131 10.02 2.31 1.22
CA GLY B 131 10.50 3.52 1.94
C GLY B 131 9.92 4.81 1.36
N THR B 132 10.21 5.93 2.02
CA THR B 132 9.71 7.24 1.59
C THR B 132 10.68 7.85 0.57
N ILE B 133 10.18 8.86 -0.16
CA ILE B 133 10.96 9.77 -1.03
C ILE B 133 10.61 11.23 -0.71
N PRO B 134 11.44 12.24 -1.09
CA PRO B 134 11.12 13.63 -0.74
C PRO B 134 9.72 14.10 -1.21
N GLY B 135 9.26 13.60 -2.39
CA GLY B 135 7.96 13.97 -2.94
C GLY B 135 6.77 13.55 -2.07
N ASP B 136 6.98 12.68 -1.09
CA ASP B 136 5.92 12.14 -0.20
C ASP B 136 5.56 13.10 0.94
N CYS B 137 6.26 14.21 1.14
CA CYS B 137 5.98 15.07 2.32
C CYS B 137 4.51 15.57 2.28
N GLY B 138 3.91 15.61 3.46
CA GLY B 138 2.49 15.91 3.71
C GLY B 138 1.59 14.69 3.85
N ALA B 139 2.07 13.51 3.49
CA ALA B 139 1.26 12.29 3.66
C ALA B 139 0.91 12.17 5.15
N PRO B 140 -0.32 11.71 5.49
CA PRO B 140 -0.74 11.63 6.89
C PRO B 140 -0.21 10.37 7.59
N TYR B 141 -0.06 10.47 8.92
CA TYR B 141 0.17 9.33 9.85
C TYR B 141 -1.18 8.98 10.52
N VAL B 142 -1.65 7.71 10.41
CA VAL B 142 -2.94 7.31 10.97
C VAL B 142 -2.80 5.96 11.71
N TYR B 143 -3.72 5.71 12.63
CA TYR B 143 -3.82 4.36 13.25
C TYR B 143 -5.25 4.11 13.70
N LYS B 144 -5.60 2.81 13.80
CA LYS B 144 -6.96 2.40 14.21
C LYS B 144 -6.96 2.20 15.74
N ARG B 145 -7.90 2.81 16.42
CA ARG B 145 -8.06 2.80 17.90
C ARG B 145 -9.55 2.59 18.18
N ALA B 146 -9.88 1.49 18.83
CA ALA B 146 -11.26 1.02 19.03
C ALA B 146 -11.83 0.84 17.61
N ASN B 147 -12.92 1.53 17.26
CA ASN B 147 -13.50 1.47 15.90
C ASN B 147 -13.20 2.75 15.11
N ASP B 148 -12.30 3.59 15.60
CA ASP B 148 -12.07 4.94 15.01
C ASP B 148 -10.67 5.01 14.39
N TRP B 149 -10.57 5.59 13.21
CA TRP B 149 -9.29 6.05 12.65
C TRP B 149 -8.90 7.34 13.39
N VAL B 150 -7.64 7.44 13.74
CA VAL B 150 -7.00 8.63 14.37
C VAL B 150 -5.92 9.11 13.40
N VAL B 151 -5.90 10.42 13.13
CA VAL B 151 -4.80 11.06 12.37
C VAL B 151 -3.99 11.85 13.37
N CYS B 152 -2.67 11.63 13.38
CA CYS B 152 -1.86 12.29 14.40
C CYS B 152 -0.70 13.11 13.88
N GLY B 153 -0.58 13.30 12.57
CA GLY B 153 0.36 14.28 12.01
C GLY B 153 0.64 14.01 10.53
N VAL B 154 1.65 14.68 10.00
CA VAL B 154 2.01 14.67 8.57
C VAL B 154 3.51 14.42 8.37
N HIS B 155 3.87 13.83 7.23
CA HIS B 155 5.27 13.40 6.92
C HIS B 155 6.13 14.65 6.65
N ALA B 156 7.15 14.92 7.44
CA ALA B 156 7.98 16.15 7.34
C ALA B 156 9.39 15.87 6.78
N ALA B 157 9.96 14.72 7.08
CA ALA B 157 11.36 14.42 6.75
C ALA B 157 11.68 12.94 6.88
N ALA B 158 12.78 12.51 6.24
CA ALA B 158 13.32 11.14 6.37
C ALA B 158 14.81 11.16 6.11
N THR B 159 15.55 10.27 6.79
CA THR B 159 16.98 10.03 6.43
C THR B 159 17.07 9.24 5.12
N LYS B 160 17.93 9.68 4.22
CA LYS B 160 18.13 8.99 2.92
C LYS B 160 18.79 7.68 3.30
N SER B 161 18.30 6.58 2.76
CA SER B 161 18.88 5.23 2.99
C SER B 161 18.92 4.93 4.50
N GLY B 162 17.96 5.37 5.27
CA GLY B 162 18.06 5.19 6.76
C GLY B 162 16.77 4.56 7.27
N ASN B 163 16.52 4.57 8.57
CA ASN B 163 15.23 4.05 9.06
C ASN B 163 14.32 5.16 9.62
N THR B 164 14.80 6.40 9.83
CA THR B 164 14.15 7.36 10.70
C THR B 164 13.33 8.34 9.83
N VAL B 165 12.13 8.57 10.30
CA VAL B 165 11.14 9.54 9.73
C VAL B 165 10.74 10.54 10.82
N VAL B 166 10.24 11.72 10.43
CA VAL B 166 9.66 12.68 11.39
C VAL B 166 8.22 13.01 10.97
N CYS B 167 7.29 12.81 11.88
CA CYS B 167 5.85 13.18 11.82
C CYS B 167 5.65 14.54 12.49
N ALA B 168 5.36 15.60 11.73
CA ALA B 168 5.12 16.91 12.35
C ALA B 168 3.72 16.91 12.98
N VAL B 169 3.59 17.45 14.17
CA VAL B 169 2.34 17.37 14.97
C VAL B 169 1.77 18.77 15.26
N GLN B 170 0.47 18.81 15.52
CA GLN B 170 -0.29 20.01 15.92
C GLN B 170 0.25 20.52 17.27
N ALA B 171 0.27 21.83 17.44
CA ALA B 171 0.55 22.57 18.69
C ALA B 171 1.90 22.14 19.26
#